data_7Y73
#
_entry.id   7Y73
#
_cell.length_a   39.649
_cell.length_b   40.950
_cell.length_c   54.231
_cell.angle_alpha   90.000
_cell.angle_beta   100.110
_cell.angle_gamma   90.000
#
_symmetry.space_group_name_H-M   'P 1 21 1'
#
loop_
_entity.id
_entity.type
_entity.pdbx_description
1 polymer 'Down Syndrome Cell Adhesion Molecules'
2 non-polymer GLYCEROL
3 water water
#
_entity_poly.entity_id   1
_entity_poly.type   'polypeptide(L)'
_entity_poly.pdbx_seq_one_letter_code
;GASGAPKLQPFTFPKTLHEGQTVKAICTPTEGERPLQFQWLKDGHPLMKRPLVDIKTFEDYSLLKVSSVGEKDIGNYTCI
VRNHHGSDQFTTSLTIPVA
;
_entity_poly.pdbx_strand_id   A,B
#
# COMPACT_ATOMS: atom_id res chain seq x y z
N ALA A 2 10.10 20.02 -13.06
CA ALA A 2 11.00 19.97 -11.90
C ALA A 2 11.56 18.56 -11.76
N SER A 3 12.53 18.22 -12.61
CA SER A 3 13.06 16.87 -12.63
C SER A 3 13.73 16.52 -11.31
N GLY A 4 13.48 15.29 -10.85
CA GLY A 4 13.98 14.82 -9.59
C GLY A 4 12.99 14.94 -8.44
N ALA A 5 12.00 15.82 -8.57
CA ALA A 5 11.04 16.01 -7.50
C ALA A 5 10.25 14.72 -7.26
N PRO A 6 9.88 14.45 -6.01
CA PRO A 6 9.13 13.23 -5.71
C PRO A 6 7.64 13.40 -5.90
N LYS A 7 7.00 12.32 -6.31
CA LYS A 7 5.55 12.24 -6.39
C LYS A 7 5.13 10.91 -5.76
N LEU A 8 3.98 10.94 -5.10
CA LEU A 8 3.49 9.79 -4.35
C LEU A 8 2.39 9.08 -5.11
N GLN A 9 2.37 7.76 -5.00
CA GLN A 9 1.23 6.99 -5.44
C GLN A 9 0.05 7.32 -4.53
N PRO A 10 -1.09 7.78 -5.06
CA PRO A 10 -2.23 8.03 -4.18
C PRO A 10 -2.63 6.76 -3.44
N PHE A 11 -2.99 6.95 -2.17
CA PHE A 11 -3.44 5.83 -1.34
C PHE A 11 -4.58 6.28 -0.43
N THR A 12 -5.60 5.43 -0.32
CA THR A 12 -6.72 5.66 0.58
C THR A 12 -6.98 4.39 1.39
N PHE A 13 -7.22 4.57 2.69
CA PHE A 13 -7.64 3.47 3.53
C PHE A 13 -8.94 2.89 3.00
N PRO A 14 -9.17 1.59 3.16
CA PRO A 14 -10.51 1.05 2.94
C PRO A 14 -11.54 1.87 3.71
N LYS A 15 -12.72 2.06 3.11
CA LYS A 15 -13.69 2.96 3.71
C LYS A 15 -14.40 2.32 4.90
N THR A 16 -14.50 0.99 4.93
CA THR A 16 -15.19 0.28 6.00
C THR A 16 -14.16 -0.51 6.80
N LEU A 17 -13.76 0.05 7.94
CA LEU A 17 -12.86 -0.62 8.87
C LEU A 17 -13.65 -1.08 10.09
N HIS A 18 -13.15 -2.12 10.74
CA HIS A 18 -13.78 -2.69 11.92
C HIS A 18 -12.84 -2.62 13.11
N GLU A 19 -13.42 -2.38 14.28
CA GLU A 19 -12.62 -2.38 15.50
C GLU A 19 -11.91 -3.73 15.65
N GLY A 20 -10.63 -3.68 16.02
CA GLY A 20 -9.84 -4.85 16.24
C GLY A 20 -8.97 -5.27 15.08
N GLN A 21 -9.24 -4.78 13.88
CA GLN A 21 -8.48 -5.26 12.74
C GLN A 21 -7.12 -4.56 12.68
N THR A 22 -6.24 -5.11 11.85
CA THR A 22 -5.03 -4.43 11.43
C THR A 22 -5.33 -3.68 10.14
N VAL A 23 -4.74 -2.51 9.98
CA VAL A 23 -4.82 -1.76 8.74
C VAL A 23 -3.46 -1.12 8.49
N LYS A 24 -3.10 -1.04 7.21
CA LYS A 24 -1.81 -0.49 6.80
C LYS A 24 -2.02 0.53 5.69
N ALA A 25 -1.18 1.56 5.70
CA ALA A 25 -1.12 2.55 4.64
C ALA A 25 0.29 2.56 4.08
N ILE A 26 0.42 2.54 2.77
CA ILE A 26 1.71 2.57 2.11
C ILE A 26 1.90 3.97 1.52
N CYS A 27 3.08 4.52 1.72
CA CYS A 27 3.45 5.83 1.18
C CYS A 27 4.69 5.57 0.32
N THR A 28 4.49 5.50 -0.99
CA THR A 28 5.52 5.03 -1.91
C THR A 28 5.56 5.93 -3.13
N PRO A 29 6.76 6.23 -3.64
CA PRO A 29 6.87 7.23 -4.71
C PRO A 29 6.73 6.63 -6.10
N THR A 30 6.00 7.36 -6.95
CA THR A 30 5.89 6.99 -8.35
C THR A 30 7.07 7.49 -9.16
N GLU A 31 7.74 8.54 -8.68
CA GLU A 31 8.91 9.08 -9.35
C GLU A 31 9.70 9.90 -8.35
N GLY A 32 10.95 10.19 -8.71
CA GLY A 32 11.80 11.04 -7.90
C GLY A 32 13.21 10.53 -7.76
N GLU A 33 14.07 11.34 -7.16
CA GLU A 33 15.46 11.02 -6.90
C GLU A 33 15.68 10.92 -5.41
N ARG A 34 16.48 9.96 -4.99
CA ARG A 34 16.92 9.90 -3.61
C ARG A 34 18.04 10.91 -3.38
N PRO A 35 18.26 11.35 -2.13
CA PRO A 35 17.55 10.92 -0.92
C PRO A 35 16.15 11.48 -0.77
N LEU A 36 15.23 10.65 -0.28
CA LEU A 36 13.88 11.05 0.04
C LEU A 36 13.67 10.99 1.55
N GLN A 37 12.86 11.90 2.06
CA GLN A 37 12.46 11.87 3.46
C GLN A 37 10.94 11.81 3.55
N PHE A 38 10.46 10.93 4.42
CA PHE A 38 9.05 10.68 4.60
C PHE A 38 8.64 11.07 6.01
N GLN A 39 7.42 11.56 6.16
CA GLN A 39 6.87 11.80 7.49
C GLN A 39 5.38 11.56 7.46
N TRP A 40 4.84 11.21 8.62
CA TRP A 40 3.42 10.96 8.80
C TRP A 40 2.86 11.93 9.81
N LEU A 41 1.65 12.41 9.53
CA LEU A 41 0.89 13.23 10.44
C LEU A 41 -0.43 12.54 10.74
N LYS A 42 -0.99 12.84 11.91
CA LYS A 42 -2.36 12.47 12.26
C LYS A 42 -3.07 13.76 12.67
N ASP A 43 -4.17 14.08 11.98
CA ASP A 43 -4.92 15.30 12.26
C ASP A 43 -4.00 16.52 12.25
N GLY A 44 -3.05 16.51 11.31
CA GLY A 44 -2.17 17.62 11.09
C GLY A 44 -0.95 17.69 11.99
N HIS A 45 -0.84 16.82 12.98
CA HIS A 45 0.27 16.87 13.92
C HIS A 45 1.19 15.66 13.70
N PRO A 46 2.50 15.83 13.90
CA PRO A 46 3.41 14.69 13.71
C PRO A 46 2.93 13.45 14.46
N LEU A 47 3.03 12.30 13.80
CA LEU A 47 2.51 11.05 14.34
C LEU A 47 3.46 10.52 15.41
N MET A 48 2.94 10.34 16.62
N MET A 48 2.94 10.33 16.62
CA MET A 48 3.74 9.89 17.74
CA MET A 48 3.76 9.89 17.74
C MET A 48 3.85 8.37 17.76
C MET A 48 3.84 8.37 17.79
N LYS A 49 5.00 7.88 18.22
CA LYS A 49 5.19 6.45 18.36
C LYS A 49 4.28 5.91 19.47
N ARG A 50 3.67 4.77 19.22
CA ARG A 50 2.85 4.07 20.21
C ARG A 50 3.05 2.57 20.01
N PRO A 51 2.72 1.77 21.03
CA PRO A 51 2.99 0.32 20.92
C PRO A 51 2.37 -0.33 19.68
N LEU A 52 1.16 0.05 19.31
CA LEU A 52 0.45 -0.56 18.18
C LEU A 52 0.27 0.41 17.02
N VAL A 53 1.11 1.44 16.94
CA VAL A 53 1.19 2.33 15.77
C VAL A 53 2.65 2.28 15.34
N ASP A 54 2.92 1.65 14.20
CA ASP A 54 4.26 1.26 13.78
C ASP A 54 4.52 1.83 12.39
N ILE A 55 5.57 2.64 12.27
CA ILE A 55 6.02 3.15 10.99
C ILE A 55 7.23 2.32 10.56
N LYS A 56 7.10 1.66 9.40
CA LYS A 56 8.17 0.86 8.82
C LYS A 56 8.90 1.70 7.77
N THR A 57 10.22 1.63 7.81
CA THR A 57 11.08 2.44 6.94
C THR A 57 11.79 1.51 5.98
N PHE A 58 11.55 1.70 4.69
CA PHE A 58 12.25 0.98 3.64
C PHE A 58 13.30 1.91 3.06
N GLU A 59 13.96 1.46 1.98
CA GLU A 59 15.03 2.29 1.42
C GLU A 59 14.48 3.57 0.80
N ASP A 60 13.26 3.51 0.23
CA ASP A 60 12.69 4.68 -0.45
C ASP A 60 11.16 4.68 -0.41
N TYR A 61 10.56 4.12 0.64
CA TYR A 61 9.13 4.23 0.89
C TYR A 61 8.89 3.99 2.37
N SER A 62 7.63 4.16 2.78
CA SER A 62 7.24 4.07 4.19
C SER A 62 5.90 3.35 4.30
N LEU A 63 5.72 2.62 5.39
CA LEU A 63 4.51 1.86 5.64
C LEU A 63 4.06 2.16 7.06
N LEU A 64 2.77 2.50 7.20
CA LEU A 64 2.16 2.70 8.50
C LEU A 64 1.29 1.49 8.83
N LYS A 65 1.54 0.86 9.96
CA LYS A 65 0.75 -0.28 10.42
C LYS A 65 0.06 0.08 11.73
N VAL A 66 -1.26 0.02 11.74
CA VAL A 66 -2.06 0.23 12.94
C VAL A 66 -2.67 -1.11 13.30
N SER A 67 -2.28 -1.65 14.45
CA SER A 67 -2.81 -2.90 14.94
C SER A 67 -3.98 -2.65 15.90
N SER A 68 -4.89 -3.62 15.96
CA SER A 68 -6.05 -3.57 16.84
C SER A 68 -6.74 -2.20 16.76
N VAL A 69 -7.20 -1.87 15.55
CA VAL A 69 -7.81 -0.58 15.30
C VAL A 69 -8.89 -0.31 16.34
N GLY A 70 -8.86 0.90 16.90
CA GLY A 70 -9.87 1.34 17.84
C GLY A 70 -10.27 2.76 17.55
N GLU A 71 -11.23 3.26 18.34
CA GLU A 71 -11.66 4.65 18.15
C GLU A 71 -10.50 5.61 18.38
N LYS A 72 -9.51 5.18 19.16
CA LYS A 72 -8.28 5.94 19.33
C LYS A 72 -7.64 6.29 17.98
N ASP A 73 -7.74 5.39 17.01
CA ASP A 73 -7.01 5.54 15.76
C ASP A 73 -7.78 6.31 14.71
N ILE A 74 -9.07 6.60 14.94
CA ILE A 74 -9.84 7.35 13.97
C ILE A 74 -9.22 8.73 13.79
N GLY A 75 -9.08 9.15 12.55
CA GLY A 75 -8.51 10.45 12.26
C GLY A 75 -8.03 10.50 10.81
N ASN A 76 -7.38 11.61 10.50
CA ASN A 76 -6.92 11.89 9.15
C ASN A 76 -5.40 11.81 9.12
N TYR A 77 -4.88 10.92 8.28
CA TYR A 77 -3.46 10.63 8.22
C TYR A 77 -2.88 11.18 6.93
N THR A 78 -1.76 11.89 7.06
CA THR A 78 -1.07 12.49 5.93
C THR A 78 0.33 11.91 5.85
N CYS A 79 0.76 11.58 4.64
CA CYS A 79 2.15 11.27 4.37
C CYS A 79 2.73 12.34 3.48
N ILE A 80 3.88 12.90 3.87
CA ILE A 80 4.59 13.90 3.06
C ILE A 80 5.95 13.32 2.71
N VAL A 81 6.34 13.45 1.45
CA VAL A 81 7.68 13.10 1.00
C VAL A 81 8.35 14.37 0.51
N ARG A 82 9.65 14.51 0.80
CA ARG A 82 10.39 15.70 0.44
C ARG A 82 11.78 15.31 -0.05
N ASN A 83 12.32 16.14 -0.94
CA ASN A 83 13.75 16.09 -1.27
C ASN A 83 14.17 17.49 -1.70
N HIS A 84 15.41 17.62 -2.16
CA HIS A 84 15.92 18.92 -2.55
C HIS A 84 15.06 19.59 -3.62
N HIS A 85 14.33 18.80 -4.42
CA HIS A 85 13.68 19.32 -5.61
C HIS A 85 12.20 19.62 -5.43
N GLY A 86 11.56 19.07 -4.40
CA GLY A 86 10.15 19.32 -4.20
C GLY A 86 9.58 18.40 -3.14
N SER A 87 8.26 18.39 -3.06
CA SER A 87 7.55 17.60 -2.06
C SER A 87 6.22 17.16 -2.67
N ASP A 88 5.60 16.19 -2.01
CA ASP A 88 4.27 15.73 -2.37
C ASP A 88 3.64 15.15 -1.11
N GLN A 89 2.32 15.01 -1.14
CA GLN A 89 1.64 14.47 0.03
C GLN A 89 0.25 14.00 -0.36
N PHE A 90 -0.28 13.09 0.45
CA PHE A 90 -1.68 12.70 0.41
C PHE A 90 -2.19 12.58 1.84
N THR A 91 -3.52 12.70 1.99
CA THR A 91 -4.19 12.51 3.26
C THR A 91 -5.34 11.54 3.04
N THR A 92 -5.53 10.63 4.00
CA THR A 92 -6.60 9.66 3.95
C THR A 92 -7.16 9.45 5.35
N SER A 93 -8.47 9.23 5.42
CA SER A 93 -9.17 9.12 6.68
C SER A 93 -9.29 7.67 7.12
N LEU A 94 -8.91 7.40 8.36
CA LEU A 94 -9.16 6.12 9.01
C LEU A 94 -10.49 6.25 9.74
N THR A 95 -11.52 5.56 9.24
CA THR A 95 -12.87 5.70 9.76
C THR A 95 -13.42 4.34 10.16
N ILE A 96 -14.23 4.33 11.21
CA ILE A 96 -15.00 3.15 11.60
C ILE A 96 -16.47 3.54 11.47
N PRO A 97 -17.09 3.31 10.32
CA PRO A 97 -18.52 3.62 10.17
C PRO A 97 -19.37 2.66 10.98
N VAL A 98 -20.61 3.07 11.25
CA VAL A 98 -21.51 2.18 11.98
C VAL A 98 -21.69 0.88 11.20
N ALA A 99 -21.92 -0.21 11.92
CA ALA A 99 -22.05 -1.52 11.32
C ALA A 99 -23.11 -1.53 10.22
N SER B 3 -11.91 -19.32 12.93
CA SER B 3 -10.92 -18.31 13.25
C SER B 3 -9.54 -18.74 12.79
N GLY B 4 -8.67 -17.76 12.51
CA GLY B 4 -7.30 -18.00 12.15
C GLY B 4 -7.00 -17.85 10.67
N ALA B 5 -8.00 -18.04 9.81
CA ALA B 5 -7.78 -17.93 8.38
C ALA B 5 -7.57 -16.47 8.01
N PRO B 6 -6.90 -16.22 6.89
CA PRO B 6 -6.59 -14.83 6.52
C PRO B 6 -7.76 -14.12 5.86
N LYS B 7 -7.80 -12.80 6.09
CA LYS B 7 -8.69 -11.89 5.36
C LYS B 7 -7.81 -10.73 4.90
N LEU B 8 -7.92 -10.38 3.63
CA LEU B 8 -7.04 -9.38 3.05
C LEU B 8 -7.60 -7.98 3.20
N GLN B 9 -6.72 -7.01 3.37
CA GLN B 9 -7.10 -5.61 3.25
C GLN B 9 -7.44 -5.32 1.79
N PRO B 10 -8.61 -4.76 1.51
CA PRO B 10 -8.94 -4.46 0.11
C PRO B 10 -7.94 -3.49 -0.48
N PHE B 11 -7.56 -3.76 -1.72
CA PHE B 11 -6.65 -2.87 -2.43
C PHE B 11 -7.02 -2.83 -3.91
N THR B 12 -7.05 -1.63 -4.48
CA THR B 12 -7.16 -1.46 -5.92
C THR B 12 -6.11 -0.45 -6.37
N PHE B 13 -5.57 -0.68 -7.56
CA PHE B 13 -4.65 0.29 -8.14
C PHE B 13 -5.36 1.62 -8.34
N PRO B 14 -4.72 2.75 -8.02
CA PRO B 14 -5.29 4.04 -8.40
C PRO B 14 -5.48 4.13 -9.91
N LYS B 15 -6.40 5.00 -10.31
CA LYS B 15 -6.68 5.23 -11.73
C LYS B 15 -5.90 6.40 -12.30
N THR B 16 -5.07 7.05 -11.50
CA THR B 16 -4.32 8.23 -11.92
C THR B 16 -2.84 7.94 -12.11
N LEU B 17 -2.49 6.68 -12.34
CA LEU B 17 -1.11 6.31 -12.67
C LEU B 17 -0.85 6.62 -14.13
N HIS B 18 0.38 7.05 -14.43
CA HIS B 18 0.75 7.51 -15.75
C HIS B 18 1.93 6.71 -16.30
N GLU B 19 1.94 6.53 -17.61
CA GLU B 19 3.00 5.80 -18.28
C GLU B 19 4.36 6.28 -17.79
N GLY B 20 5.23 5.33 -17.46
CA GLY B 20 6.58 5.61 -17.02
C GLY B 20 6.76 5.66 -15.51
N GLN B 21 5.68 5.77 -14.76
CA GLN B 21 5.79 5.83 -13.32
C GLN B 21 5.99 4.45 -12.74
N THR B 22 6.54 4.41 -11.52
CA THR B 22 6.55 3.20 -10.72
C THR B 22 5.21 3.07 -10.01
N VAL B 23 4.65 1.87 -10.04
CA VAL B 23 3.38 1.59 -9.38
C VAL B 23 3.54 0.33 -8.54
N LYS B 24 2.91 0.32 -7.37
CA LYS B 24 2.97 -0.83 -6.49
C LYS B 24 1.57 -1.26 -6.08
N ALA B 25 1.43 -2.56 -5.83
CA ALA B 25 0.26 -3.11 -5.16
C ALA B 25 0.73 -3.72 -3.86
N ILE B 26 -0.07 -3.55 -2.81
CA ILE B 26 0.23 -4.14 -1.51
C ILE B 26 -0.81 -5.20 -1.22
N CYS B 27 -0.35 -6.40 -0.87
CA CYS B 27 -1.20 -7.50 -0.45
C CYS B 27 -0.91 -7.78 1.01
N THR B 28 -1.91 -7.57 1.87
CA THR B 28 -1.66 -7.67 3.29
C THR B 28 -2.93 -8.03 4.04
N PRO B 29 -2.87 -8.95 4.99
CA PRO B 29 -4.06 -9.32 5.74
C PRO B 29 -4.41 -8.25 6.78
N THR B 30 -5.70 -8.23 7.12
CA THR B 30 -6.19 -7.52 8.28
C THR B 30 -6.39 -8.44 9.48
N GLU B 31 -6.33 -9.75 9.25
CA GLU B 31 -6.34 -10.76 10.31
C GLU B 31 -5.81 -12.05 9.69
N GLY B 32 -5.39 -12.95 10.56
CA GLY B 32 -4.89 -14.23 10.08
C GLY B 32 -3.62 -14.67 10.77
N GLU B 33 -3.53 -15.96 11.08
CA GLU B 33 -2.35 -16.50 11.73
C GLU B 33 -1.20 -16.63 10.74
N ARG B 34 0.01 -16.52 11.25
CA ARG B 34 1.22 -16.70 10.45
C ARG B 34 1.74 -18.12 10.63
N PRO B 35 2.61 -18.60 9.73
CA PRO B 35 3.15 -17.89 8.57
C PRO B 35 2.18 -17.78 7.42
N LEU B 36 2.43 -16.79 6.57
CA LEU B 36 1.58 -16.46 5.43
C LEU B 36 2.37 -16.62 4.15
N GLN B 37 1.69 -17.14 3.12
CA GLN B 37 2.24 -17.30 1.79
C GLN B 37 1.51 -16.35 0.85
N PHE B 38 2.26 -15.69 -0.01
CA PHE B 38 1.70 -14.73 -0.94
C PHE B 38 2.03 -15.15 -2.37
N GLN B 39 1.02 -15.13 -3.24
CA GLN B 39 1.17 -15.51 -4.63
C GLN B 39 0.54 -14.45 -5.49
N TRP B 40 1.26 -13.99 -6.51
CA TRP B 40 0.76 -12.98 -7.43
C TRP B 40 0.52 -13.61 -8.79
N LEU B 41 -0.55 -13.17 -9.45
CA LEU B 41 -0.86 -13.59 -10.80
C LEU B 41 -1.21 -12.36 -11.62
N LYS B 42 -0.95 -12.44 -12.93
CA LYS B 42 -1.35 -11.42 -13.89
C LYS B 42 -2.21 -12.12 -14.94
N ASP B 43 -3.46 -11.68 -15.06
CA ASP B 43 -4.39 -12.28 -16.01
C ASP B 43 -4.48 -13.79 -15.84
N GLY B 44 -4.36 -14.24 -14.59
CA GLY B 44 -4.55 -15.64 -14.26
C GLY B 44 -3.29 -16.47 -14.22
N HIS B 45 -2.14 -15.94 -14.64
CA HIS B 45 -0.93 -16.74 -14.72
C HIS B 45 0.15 -16.17 -13.81
N PRO B 46 1.03 -17.02 -13.27
CA PRO B 46 2.15 -16.51 -12.47
C PRO B 46 2.98 -15.51 -13.28
N LEU B 47 3.70 -14.66 -12.56
CA LEU B 47 4.46 -13.58 -13.18
C LEU B 47 5.86 -14.04 -13.56
N ARG B 50 11.09 -10.55 -16.34
CA ARG B 50 11.06 -9.12 -16.59
C ARG B 50 11.76 -8.36 -15.48
N PRO B 51 12.85 -7.66 -15.81
CA PRO B 51 13.57 -6.93 -14.75
C PRO B 51 12.74 -5.83 -14.10
N LEU B 52 11.82 -5.21 -14.82
CA LEU B 52 11.10 -4.06 -14.32
C LEU B 52 9.93 -4.42 -13.40
N VAL B 53 9.65 -5.71 -13.20
CA VAL B 53 8.59 -6.17 -12.32
C VAL B 53 9.22 -6.98 -11.20
N ASP B 54 8.90 -6.63 -9.95
CA ASP B 54 9.56 -7.17 -8.77
C ASP B 54 8.51 -7.52 -7.74
N ILE B 55 8.77 -8.58 -6.99
CA ILE B 55 7.93 -8.96 -5.85
C ILE B 55 8.82 -9.04 -4.62
N LYS B 56 8.45 -8.31 -3.58
CA LYS B 56 9.14 -8.33 -2.29
C LYS B 56 8.14 -8.79 -1.24
N THR B 57 8.43 -9.90 -0.57
CA THR B 57 7.50 -10.48 0.38
C THR B 57 8.12 -10.49 1.78
N PHE B 58 7.31 -10.09 2.76
CA PHE B 58 7.69 -9.95 4.14
C PHE B 58 6.78 -10.85 4.99
N GLU B 59 6.92 -10.73 6.30
CA GLU B 59 6.21 -11.64 7.20
C GLU B 59 4.70 -11.59 6.97
N ASP B 60 4.12 -10.39 6.88
CA ASP B 60 2.68 -10.28 6.76
C ASP B 60 2.23 -9.30 5.67
N TYR B 61 3.04 -9.12 4.64
CA TYR B 61 2.60 -8.36 3.48
C TYR B 61 3.55 -8.65 2.32
N SER B 62 3.05 -8.45 1.12
CA SER B 62 3.82 -8.64 -0.10
C SER B 62 3.59 -7.45 -1.00
N LEU B 63 4.65 -6.97 -1.63
CA LEU B 63 4.61 -5.78 -2.47
C LEU B 63 5.01 -6.15 -3.88
N LEU B 64 4.12 -5.91 -4.83
CA LEU B 64 4.40 -6.03 -6.25
C LEU B 64 4.76 -4.65 -6.77
N LYS B 65 5.89 -4.55 -7.46
CA LYS B 65 6.39 -3.27 -7.97
C LYS B 65 6.57 -3.37 -9.48
N VAL B 66 5.80 -2.59 -10.21
CA VAL B 66 5.91 -2.49 -11.66
C VAL B 66 6.55 -1.14 -11.96
N SER B 67 7.82 -1.14 -12.34
CA SER B 67 8.50 0.10 -12.66
C SER B 67 8.31 0.43 -14.14
N SER B 68 8.38 1.73 -14.44
CA SER B 68 8.17 2.25 -15.79
C SER B 68 6.93 1.63 -16.42
N VAL B 69 5.78 1.85 -15.75
CA VAL B 69 4.55 1.20 -16.18
C VAL B 69 4.23 1.57 -17.62
N GLY B 70 3.75 0.59 -18.37
CA GLY B 70 3.43 0.82 -19.76
C GLY B 70 2.41 -0.18 -20.26
N GLU B 71 2.24 -0.19 -21.59
CA GLU B 71 1.25 -1.06 -22.20
C GLU B 71 1.49 -2.51 -21.82
N LYS B 72 2.76 -2.91 -21.69
CA LYS B 72 3.10 -4.29 -21.35
C LYS B 72 2.56 -4.71 -19.99
N ASP B 73 2.22 -3.75 -19.12
CA ASP B 73 1.81 -4.07 -17.76
C ASP B 73 0.31 -4.01 -17.55
N ILE B 74 -0.45 -3.48 -18.51
CA ILE B 74 -1.89 -3.37 -18.35
C ILE B 74 -2.48 -4.77 -18.18
N GLY B 75 -3.39 -4.89 -17.22
CA GLY B 75 -4.04 -6.16 -17.00
C GLY B 75 -4.59 -6.26 -15.59
N ASN B 76 -5.10 -7.45 -15.27
CA ASN B 76 -5.65 -7.74 -13.96
C ASN B 76 -4.62 -8.50 -13.14
N TYR B 77 -4.36 -8.03 -11.94
CA TYR B 77 -3.39 -8.65 -11.04
C TYR B 77 -4.12 -9.21 -9.84
N THR B 78 -3.78 -10.44 -9.47
CA THR B 78 -4.38 -11.11 -8.33
C THR B 78 -3.31 -11.38 -7.29
N CYS B 79 -3.65 -11.16 -6.03
CA CYS B 79 -2.87 -11.69 -4.93
C CYS B 79 -3.71 -12.72 -4.18
N ILE B 80 -3.13 -13.91 -3.97
CA ILE B 80 -3.71 -14.94 -3.12
C ILE B 80 -2.82 -15.07 -1.89
N VAL B 81 -3.40 -14.90 -0.71
CA VAL B 81 -2.68 -15.11 0.53
C VAL B 81 -3.19 -16.40 1.14
N ARG B 82 -2.27 -17.17 1.72
CA ARG B 82 -2.62 -18.47 2.28
C ARG B 82 -1.93 -18.65 3.63
N ASN B 83 -2.64 -19.29 4.55
CA ASN B 83 -1.99 -19.87 5.71
C ASN B 83 -2.53 -21.29 5.90
N HIS B 84 -2.15 -21.96 6.98
CA HIS B 84 -2.53 -23.36 7.15
C HIS B 84 -4.04 -23.53 7.24
N HIS B 85 -4.78 -22.45 7.50
CA HIS B 85 -6.24 -22.55 7.64
C HIS B 85 -6.99 -22.36 6.33
N GLY B 86 -6.45 -21.55 5.42
CA GLY B 86 -7.18 -21.25 4.20
C GLY B 86 -6.58 -20.06 3.49
N SER B 87 -7.39 -19.44 2.63
CA SER B 87 -6.88 -18.41 1.73
C SER B 87 -7.87 -17.27 1.60
N ASP B 88 -7.36 -16.14 1.13
CA ASP B 88 -8.16 -15.04 0.63
C ASP B 88 -7.47 -14.52 -0.62
N GLN B 89 -8.18 -13.71 -1.39
CA GLN B 89 -7.63 -13.22 -2.64
C GLN B 89 -8.37 -11.97 -3.06
N PHE B 90 -7.68 -11.11 -3.79
CA PHE B 90 -8.32 -9.99 -4.47
C PHE B 90 -7.67 -9.85 -5.85
N THR B 91 -8.40 -9.21 -6.75
CA THR B 91 -7.93 -8.91 -8.09
C THR B 91 -8.21 -7.44 -8.35
N THR B 92 -7.26 -6.77 -9.01
CA THR B 92 -7.40 -5.35 -9.33
C THR B 92 -6.85 -5.10 -10.72
N SER B 93 -7.51 -4.18 -11.43
N SER B 93 -7.51 -4.18 -11.43
N SER B 93 -7.51 -4.18 -11.44
CA SER B 93 -7.14 -3.85 -12.79
CA SER B 93 -7.13 -3.86 -12.80
CA SER B 93 -7.13 -3.85 -12.80
C SER B 93 -6.11 -2.73 -12.80
C SER B 93 -6.11 -2.73 -12.80
C SER B 93 -6.10 -2.74 -12.78
N LEU B 94 -5.03 -2.91 -13.56
CA LEU B 94 -4.04 -1.86 -13.80
C LEU B 94 -4.31 -1.33 -15.20
N THR B 95 -4.87 -0.12 -15.28
CA THR B 95 -5.02 0.57 -16.55
C THR B 95 -4.46 1.98 -16.39
N ILE B 96 -4.00 2.55 -17.50
CA ILE B 96 -3.38 3.87 -17.48
C ILE B 96 -4.00 4.73 -18.57
N PRO B 97 -4.02 6.05 -18.41
CA PRO B 97 -4.52 6.90 -19.50
C PRO B 97 -3.62 6.81 -20.71
N VAL B 98 -4.20 7.12 -21.86
CA VAL B 98 -3.45 7.26 -23.10
C VAL B 98 -2.60 8.52 -22.97
N ALA B 99 -1.28 8.35 -22.93
CA ALA B 99 -0.37 9.49 -22.83
C ALA B 99 -0.20 10.09 -24.23
#